data_2Q9B
#
_entry.id   2Q9B
#
_cell.length_a   63.843
_cell.length_b   97.298
_cell.length_c   99.284
_cell.angle_alpha   90.00
_cell.angle_beta   90.00
_cell.angle_gamma   90.00
#
_symmetry.space_group_name_H-M   'P 21 21 21'
#
loop_
_entity.id
_entity.type
_entity.pdbx_description
1 polymer 'Cell division protein ftsY'
2 non-polymer 'SULFATE ION'
3 non-polymer 1,2-ETHANEDIOL
4 non-polymer 'PHOSPHOAMINOPHOSPHONIC ACID-GUANYLATE ESTER'
5 water water
#
_entity_poly.entity_id   1
_entity_poly.type   'polypeptide(L)'
_entity_poly.pdbx_seq_one_letter_code
;MGFFDRLKAGLAKTRERLLKAIPWGGNLEEVLEELEMALLAADVGLSATEEILQEVRASGRKDLKEAVKEKLVGMLEPDE
RRATLRKLGFNPQKPKPVEPKGRVVLVVGVNGVGKTTTIAKLGRYYQNLGKKVMFCAGDTFRAAGGTQLSEWGKRLSIPV
IQGPEGTDPAALAYDAVQAMKARGYDLLFVDTAGRLHTKHNLMEELKKVKRAIAKADPEEPKEVWLVLDAVTGQNGLEQA
KKFHEAVGLTGVIVTKLDGTAKGGVLIPIVRTLKVPIKFVGVGEGPDDLQPFDPEAFVEALLED
;
_entity_poly.pdbx_strand_id   A,B
#
loop_
_chem_comp.id
_chem_comp.type
_chem_comp.name
_chem_comp.formula
EDO non-polymer 1,2-ETHANEDIOL 'C2 H6 O2'
GNP non-polymer 'PHOSPHOAMINOPHOSPHONIC ACID-GUANYLATE ESTER' 'C10 H17 N6 O13 P3'
SO4 non-polymer 'SULFATE ION' 'O4 S -2'
#
# COMPACT_ATOMS: atom_id res chain seq x y z
N MET A 1 21.90 11.59 -25.57
CA MET A 1 22.35 11.18 -24.20
C MET A 1 21.49 11.79 -23.06
N GLY A 2 21.80 13.03 -22.68
CA GLY A 2 21.04 13.71 -21.65
C GLY A 2 20.72 12.99 -20.33
N PHE A 3 20.14 13.77 -19.39
CA PHE A 3 19.74 13.30 -18.07
C PHE A 3 18.21 13.28 -18.02
N PHE A 4 17.64 14.31 -18.61
CA PHE A 4 16.21 14.48 -18.68
C PHE A 4 15.60 13.30 -19.36
N ASP A 5 16.40 12.61 -20.15
CA ASP A 5 15.99 11.40 -20.86
C ASP A 5 15.60 10.24 -19.95
N ARG A 6 16.48 9.91 -19.00
CA ARG A 6 16.17 8.89 -17.99
C ARG A 6 14.87 9.17 -17.21
N LEU A 7 14.57 10.40 -16.95
CA LEU A 7 13.37 10.82 -16.26
C LEU A 7 12.11 10.58 -17.11
N LYS A 8 12.15 11.00 -18.34
CA LYS A 8 11.03 10.81 -19.22
C LYS A 8 10.71 9.35 -19.42
N ALA A 9 11.75 8.52 -19.44
CA ALA A 9 11.65 7.14 -19.63
C ALA A 9 11.14 6.54 -18.38
N GLY A 10 11.53 7.06 -17.22
CA GLY A 10 11.05 6.50 -15.97
C GLY A 10 9.56 6.72 -15.79
N LEU A 11 9.04 7.76 -16.40
CA LEU A 11 7.64 8.11 -16.33
C LEU A 11 6.88 7.59 -17.58
N ALA A 12 7.54 6.79 -18.42
CA ALA A 12 6.83 6.26 -19.59
C ALA A 12 5.52 5.52 -19.28
N LYS A 13 5.59 4.55 -18.42
CA LYS A 13 4.38 3.83 -18.09
C LYS A 13 3.29 4.77 -17.60
N THR A 14 3.64 5.74 -16.78
CA THR A 14 2.67 6.68 -16.30
C THR A 14 2.00 7.56 -17.39
N ARG A 15 2.82 8.18 -18.22
CA ARG A 15 2.42 9.06 -19.29
C ARG A 15 1.61 8.44 -20.39
N GLU A 16 2.07 7.30 -20.87
CA GLU A 16 1.46 6.64 -22.03
C GLU A 16 0.03 6.14 -21.91
N ARG A 17 -0.45 5.96 -20.72
CA ARG A 17 -1.83 5.48 -20.53
C ARG A 17 -2.84 6.47 -21.02
N LEU A 18 -2.72 7.73 -20.63
CA LEU A 18 -3.73 8.70 -21.05
C LEU A 18 -3.22 10.13 -21.28
N LEU A 19 -2.21 10.50 -20.51
CA LEU A 19 -1.71 11.86 -20.52
C LEU A 19 -1.26 12.36 -21.88
N LYS A 20 -0.43 11.59 -22.57
CA LYS A 20 0.11 11.99 -23.84
C LYS A 20 -0.93 12.07 -24.92
N ALA A 21 -2.07 11.45 -24.70
CA ALA A 21 -3.12 11.48 -25.73
C ALA A 21 -4.05 12.66 -25.62
N ILE A 22 -4.00 13.42 -24.51
CA ILE A 22 -4.88 14.60 -24.35
C ILE A 22 -4.77 15.61 -25.50
N PRO A 23 -5.87 15.89 -26.16
CA PRO A 23 -5.94 16.79 -27.30
C PRO A 23 -5.99 18.31 -26.92
N TRP A 24 -4.85 18.84 -26.51
CA TRP A 24 -4.76 20.25 -26.08
C TRP A 24 -5.27 21.28 -27.13
N GLY A 25 -6.07 20.83 -28.06
CA GLY A 25 -6.53 21.78 -29.05
C GLY A 25 -8.03 21.79 -29.22
N GLY A 26 -8.68 20.82 -28.60
CA GLY A 26 -10.11 20.60 -28.65
C GLY A 26 -10.73 21.55 -27.69
N ASN A 27 -12.08 21.56 -27.56
CA ASN A 27 -12.67 22.57 -26.66
C ASN A 27 -12.55 22.16 -25.19
N LEU A 28 -12.19 23.12 -24.36
CA LEU A 28 -12.07 22.92 -22.90
C LEU A 28 -12.71 21.64 -22.29
N GLU A 29 -14.01 21.63 -22.18
CA GLU A 29 -14.73 20.52 -21.60
C GLU A 29 -14.11 19.17 -21.97
N GLU A 30 -13.78 18.96 -23.23
CA GLU A 30 -13.15 17.69 -23.65
C GLU A 30 -11.69 17.49 -23.11
N VAL A 31 -10.88 18.53 -23.11
CA VAL A 31 -9.53 18.43 -22.71
C VAL A 31 -9.53 18.32 -21.19
N LEU A 32 -10.47 18.98 -20.50
CA LEU A 32 -10.52 18.86 -19.04
C LEU A 32 -11.01 17.48 -18.57
N GLU A 33 -12.00 16.90 -19.29
CA GLU A 33 -12.50 15.58 -18.94
C GLU A 33 -11.37 14.58 -19.01
N GLU A 34 -10.67 14.61 -20.14
CA GLU A 34 -9.53 13.77 -20.40
C GLU A 34 -8.48 14.09 -19.43
N LEU A 35 -8.35 15.35 -19.10
CA LEU A 35 -7.35 15.70 -18.12
C LEU A 35 -7.60 15.04 -16.77
N GLU A 36 -8.79 15.23 -16.25
CA GLU A 36 -9.08 14.71 -14.89
C GLU A 36 -8.92 13.15 -14.80
N MET A 37 -9.23 12.46 -15.90
CA MET A 37 -9.18 11.00 -15.84
C MET A 37 -7.79 10.56 -15.76
N ALA A 38 -6.93 11.24 -16.51
CA ALA A 38 -5.54 10.96 -16.66
C ALA A 38 -4.88 11.26 -15.35
N LEU A 39 -5.29 12.30 -14.64
CA LEU A 39 -4.71 12.62 -13.37
C LEU A 39 -5.07 11.52 -12.36
N LEU A 40 -6.37 11.28 -12.21
CA LEU A 40 -6.85 10.26 -11.31
C LEU A 40 -6.23 8.90 -11.63
N ALA A 41 -6.09 8.58 -12.90
CA ALA A 41 -5.64 7.27 -13.30
C ALA A 41 -4.14 7.14 -13.07
N ALA A 42 -3.49 8.23 -12.75
CA ALA A 42 -2.06 8.29 -12.50
C ALA A 42 -1.81 8.49 -11.02
N ASP A 43 -2.87 8.43 -10.21
CA ASP A 43 -2.74 8.51 -8.76
C ASP A 43 -2.41 9.85 -8.19
N VAL A 44 -2.88 10.88 -8.87
CA VAL A 44 -2.69 12.23 -8.33
C VAL A 44 -3.59 12.46 -7.15
N GLY A 45 -4.69 11.73 -7.09
CA GLY A 45 -5.65 11.89 -6.01
C GLY A 45 -6.74 12.89 -6.36
N LEU A 46 -7.99 12.59 -5.96
CA LEU A 46 -9.16 13.40 -6.31
C LEU A 46 -8.99 14.85 -5.78
N SER A 47 -8.47 14.94 -4.57
CA SER A 47 -8.24 16.20 -3.93
C SER A 47 -7.41 17.15 -4.75
N ALA A 48 -6.23 16.70 -5.20
CA ALA A 48 -5.33 17.53 -5.96
C ALA A 48 -5.85 17.67 -7.35
N THR A 49 -6.44 16.62 -7.91
CA THR A 49 -6.97 16.74 -9.26
C THR A 49 -8.04 17.86 -9.33
N GLU A 50 -8.93 17.83 -8.35
CA GLU A 50 -9.97 18.82 -8.28
C GLU A 50 -9.45 20.25 -8.19
N GLU A 51 -8.45 20.41 -7.38
CA GLU A 51 -7.86 21.71 -7.26
C GLU A 51 -7.20 22.21 -8.56
N ILE A 52 -6.53 21.29 -9.23
CA ILE A 52 -5.90 21.54 -10.49
C ILE A 52 -6.92 22.05 -11.46
N LEU A 53 -8.06 21.36 -11.60
CA LEU A 53 -9.13 21.75 -12.52
C LEU A 53 -9.70 23.12 -12.21
N GLN A 54 -9.93 23.38 -10.94
CA GLN A 54 -10.49 24.64 -10.53
C GLN A 54 -9.52 25.76 -10.85
N GLU A 55 -8.26 25.62 -10.43
CA GLU A 55 -7.23 26.63 -10.74
C GLU A 55 -7.10 26.81 -12.28
N VAL A 56 -7.54 25.84 -13.04
CA VAL A 56 -7.36 25.91 -14.45
C VAL A 56 -8.57 26.47 -15.15
N ARG A 57 -9.76 26.19 -14.62
CA ARG A 57 -10.96 26.69 -15.29
C ARG A 57 -11.04 28.20 -15.31
N ALA A 58 -11.28 28.76 -14.13
CA ALA A 58 -11.56 30.18 -13.99
C ALA A 58 -10.34 31.12 -13.83
N SER A 59 -9.16 30.51 -13.63
CA SER A 59 -7.91 31.24 -13.45
C SER A 59 -6.87 30.91 -14.54
N GLY A 60 -6.83 29.65 -14.96
CA GLY A 60 -5.85 29.16 -15.91
C GLY A 60 -6.03 29.71 -17.30
N ARG A 61 -5.76 31.00 -17.44
CA ARG A 61 -5.89 31.68 -18.75
C ARG A 61 -4.53 32.20 -19.23
N LYS A 62 -3.66 31.22 -19.52
CA LYS A 62 -2.28 31.49 -19.93
C LYS A 62 -1.95 30.54 -21.07
N ASP A 63 -2.79 29.54 -21.21
CA ASP A 63 -2.62 28.50 -22.21
C ASP A 63 -2.91 27.32 -21.37
N LEU A 64 -4.01 26.64 -21.60
CA LEU A 64 -4.46 25.54 -20.82
C LEU A 64 -3.30 24.63 -20.49
N LYS A 65 -2.55 24.22 -21.51
CA LYS A 65 -1.40 23.30 -21.29
C LYS A 65 -0.38 23.92 -20.30
N GLU A 66 -0.20 25.22 -20.40
CA GLU A 66 0.76 25.87 -19.54
C GLU A 66 0.28 26.10 -18.11
N ALA A 67 -0.99 26.49 -18.00
CA ALA A 67 -1.65 26.71 -16.74
C ALA A 67 -1.58 25.41 -15.91
N VAL A 68 -1.73 24.30 -16.59
CA VAL A 68 -1.77 23.04 -15.96
C VAL A 68 -0.39 22.69 -15.49
N LYS A 69 0.53 22.77 -16.42
CA LYS A 69 1.93 22.49 -16.14
C LYS A 69 2.49 23.29 -14.91
N GLU A 70 2.17 24.56 -14.88
CA GLU A 70 2.62 25.41 -13.85
C GLU A 70 1.92 25.10 -12.52
N LYS A 71 0.63 24.83 -12.53
CA LYS A 71 -0.02 24.47 -11.29
C LYS A 71 0.58 23.16 -10.67
N LEU A 72 0.81 22.17 -11.54
CA LEU A 72 1.37 20.92 -11.06
C LEU A 72 2.75 21.14 -10.46
N VAL A 73 3.58 21.95 -11.10
CA VAL A 73 4.91 22.23 -10.58
C VAL A 73 4.82 22.97 -9.29
N GLY A 74 3.83 23.84 -9.20
CA GLY A 74 3.63 24.60 -7.97
C GLY A 74 3.29 23.65 -6.83
N MET A 75 2.56 22.60 -7.14
CA MET A 75 2.14 21.65 -6.12
C MET A 75 3.30 20.72 -5.62
N LEU A 76 4.36 20.61 -6.42
CA LEU A 76 5.49 19.77 -6.10
C LEU A 76 6.53 20.50 -5.27
N GLU A 77 6.32 21.81 -4.99
CA GLU A 77 7.26 22.59 -4.19
C GLU A 77 6.60 23.14 -2.96
N PRO A 78 7.09 22.70 -1.78
CA PRO A 78 6.60 23.15 -0.47
C PRO A 78 7.27 24.42 0.03
N ASP A 79 8.58 24.53 -0.25
CA ASP A 79 9.44 25.66 0.15
C ASP A 79 9.25 26.88 -0.76
N GLU A 80 8.39 27.80 -0.33
CA GLU A 80 8.05 29.02 -1.07
C GLU A 80 9.29 29.70 -1.70
N ARG A 81 10.35 29.72 -0.94
CA ARG A 81 11.56 30.35 -1.39
C ARG A 81 12.00 29.81 -2.73
N ARG A 82 12.02 28.49 -2.86
CA ARG A 82 12.45 27.88 -4.09
C ARG A 82 11.43 28.12 -5.22
N ALA A 83 10.15 28.13 -4.90
CA ALA A 83 9.15 28.42 -5.92
C ALA A 83 9.29 29.86 -6.42
N THR A 84 9.79 30.73 -5.57
CA THR A 84 9.96 32.14 -5.94
C THR A 84 11.06 32.29 -6.97
N LEU A 85 12.22 31.77 -6.63
CA LEU A 85 13.38 31.84 -7.55
C LEU A 85 13.07 31.18 -8.88
N ARG A 86 12.06 30.33 -8.86
CA ARG A 86 11.63 29.61 -10.03
C ARG A 86 10.70 30.51 -10.84
N LYS A 87 9.71 31.10 -10.18
CA LYS A 87 8.74 31.92 -10.90
C LYS A 87 9.48 32.96 -11.60
N LEU A 88 10.52 33.44 -10.96
CA LEU A 88 11.33 34.46 -11.59
C LEU A 88 11.98 34.00 -12.91
N GLY A 89 12.63 32.84 -12.89
CA GLY A 89 13.33 32.33 -14.06
C GLY A 89 14.52 31.42 -13.79
N PHE A 90 14.86 31.24 -12.53
CA PHE A 90 15.95 30.35 -12.23
C PHE A 90 15.62 28.91 -12.68
N ASN A 91 16.36 28.41 -13.65
CA ASN A 91 16.15 27.03 -14.09
C ASN A 91 17.26 26.56 -15.02
N PRO A 92 18.40 26.19 -14.47
CA PRO A 92 19.54 25.67 -15.27
C PRO A 92 19.34 24.19 -15.65
N GLN A 93 20.20 23.62 -16.50
CA GLN A 93 20.06 22.21 -16.89
C GLN A 93 19.96 21.30 -15.67
N LYS A 94 21.10 20.98 -15.09
CA LYS A 94 21.19 20.10 -13.93
C LYS A 94 20.83 20.86 -12.71
N PRO A 95 19.83 20.38 -11.99
CA PRO A 95 19.38 21.04 -10.74
C PRO A 95 20.46 21.04 -9.61
N LYS A 96 20.34 21.96 -8.66
CA LYS A 96 21.32 22.05 -7.58
C LYS A 96 21.33 20.75 -6.83
N PRO A 97 22.52 20.28 -6.47
CA PRO A 97 22.62 19.02 -5.75
C PRO A 97 21.99 19.15 -4.34
N VAL A 98 21.42 18.07 -3.86
CA VAL A 98 20.75 18.01 -2.59
C VAL A 98 21.76 18.06 -1.50
N GLU A 99 21.57 18.98 -0.58
CA GLU A 99 22.48 19.11 0.53
C GLU A 99 21.75 18.89 1.80
N PRO A 100 22.20 17.93 2.61
CA PRO A 100 21.58 17.68 3.94
C PRO A 100 21.84 18.81 4.90
N LYS A 101 20.87 19.19 5.69
CA LYS A 101 21.00 20.29 6.66
C LYS A 101 22.09 20.04 7.71
N GLY A 102 22.31 18.77 8.01
CA GLY A 102 23.29 18.43 8.99
C GLY A 102 24.11 17.24 8.56
N ARG A 103 24.71 16.58 9.49
CA ARG A 103 25.56 15.49 9.16
C ARG A 103 24.86 14.10 9.32
N VAL A 104 23.61 14.08 9.81
CA VAL A 104 22.97 12.80 10.04
C VAL A 104 21.63 12.70 9.39
N VAL A 105 21.50 11.67 8.55
CA VAL A 105 20.28 11.45 7.79
C VAL A 105 19.71 10.14 8.33
N LEU A 106 18.54 10.26 8.97
CA LEU A 106 17.89 9.09 9.49
C LEU A 106 16.97 8.59 8.37
N VAL A 107 17.13 7.31 7.96
CA VAL A 107 16.33 6.77 6.89
C VAL A 107 15.22 5.85 7.42
N VAL A 108 13.98 6.11 7.05
CA VAL A 108 12.84 5.31 7.47
C VAL A 108 11.98 4.81 6.30
N GLY A 109 11.17 3.78 6.54
CA GLY A 109 10.25 3.22 5.54
C GLY A 109 9.87 1.78 5.90
N VAL A 110 8.82 1.23 5.30
CA VAL A 110 8.43 -0.09 5.60
C VAL A 110 9.44 -1.11 5.00
N ASN A 111 9.49 -2.28 5.58
CA ASN A 111 10.31 -3.32 5.08
C ASN A 111 10.07 -3.56 3.55
N GLY A 112 11.14 -3.48 2.77
CA GLY A 112 11.06 -3.87 1.37
C GLY A 112 10.84 -2.75 0.44
N VAL A 113 10.83 -1.50 0.90
CA VAL A 113 10.65 -0.36 -0.03
C VAL A 113 11.96 -0.06 -0.81
N GLY A 114 13.07 -0.57 -0.30
CA GLY A 114 14.32 -0.27 -0.93
C GLY A 114 15.25 0.65 -0.12
N LYS A 115 15.15 0.64 1.19
CA LYS A 115 15.96 1.57 1.98
C LYS A 115 17.42 1.16 1.82
N THR A 116 17.69 -0.12 1.96
CA THR A 116 19.12 -0.52 1.79
C THR A 116 19.77 -0.10 0.43
N THR A 117 19.09 -0.39 -0.65
CA THR A 117 19.51 -0.06 -1.98
C THR A 117 19.63 1.47 -2.18
N THR A 118 18.69 2.22 -1.72
CA THR A 118 18.74 3.65 -1.78
C THR A 118 19.92 4.22 -0.98
N ILE A 119 20.10 3.74 0.23
CA ILE A 119 21.28 4.20 1.00
C ILE A 119 22.58 3.98 0.21
N ALA A 120 22.70 2.83 -0.42
CA ALA A 120 23.93 2.55 -1.20
C ALA A 120 24.09 3.60 -2.33
N LYS A 121 22.96 3.92 -2.97
CA LYS A 121 23.03 4.89 -4.05
C LYS A 121 23.30 6.29 -3.55
N LEU A 122 22.85 6.59 -2.36
CA LEU A 122 23.09 7.92 -1.79
C LEU A 122 24.58 8.05 -1.35
N GLY A 123 25.18 6.92 -0.95
CA GLY A 123 26.60 6.95 -0.61
C GLY A 123 27.44 7.31 -1.85
N ARG A 124 27.20 6.59 -2.93
CA ARG A 124 27.83 6.85 -4.17
C ARG A 124 27.57 8.30 -4.55
N TYR A 125 26.32 8.71 -4.62
CA TYR A 125 26.04 10.10 -4.93
C TYR A 125 26.93 11.07 -4.17
N TYR A 126 26.84 11.05 -2.86
CA TYR A 126 27.61 11.97 -2.01
C TYR A 126 29.11 11.79 -2.08
N GLN A 127 29.56 10.61 -2.40
CA GLN A 127 31.02 10.40 -2.40
C GLN A 127 31.58 11.05 -3.64
N ASN A 128 30.72 11.21 -4.64
CA ASN A 128 31.17 11.93 -5.81
C ASN A 128 31.05 13.42 -5.65
N LEU A 129 30.33 13.90 -4.65
CA LEU A 129 30.23 15.34 -4.43
C LEU A 129 31.31 15.74 -3.47
N GLY A 130 32.24 14.82 -3.24
CA GLY A 130 33.37 15.03 -2.35
C GLY A 130 33.02 15.04 -0.86
N LYS A 131 32.40 13.98 -0.40
CA LYS A 131 32.04 13.86 1.02
C LYS A 131 32.46 12.54 1.64
N LYS A 132 32.84 12.60 2.90
CA LYS A 132 33.18 11.42 3.67
C LYS A 132 31.87 10.89 4.14
N VAL A 133 31.50 9.70 3.68
CA VAL A 133 30.25 9.08 4.04
C VAL A 133 30.46 7.82 4.87
N MET A 134 29.58 7.62 5.88
CA MET A 134 29.53 6.45 6.79
C MET A 134 28.08 5.94 6.81
N PHE A 135 27.90 4.62 6.97
CA PHE A 135 26.61 3.99 7.05
C PHE A 135 26.44 3.35 8.45
N CYS A 136 25.20 3.38 8.93
CA CYS A 136 24.79 2.71 10.13
C CYS A 136 23.65 1.72 9.84
N ALA A 137 23.91 0.45 10.07
CA ALA A 137 22.91 -0.63 9.82
C ALA A 137 21.96 -0.79 10.98
N GLY A 138 21.06 0.15 11.14
CA GLY A 138 20.08 0.06 12.19
C GLY A 138 19.03 -1.04 12.11
N ASP A 139 18.83 -1.66 10.93
CA ASP A 139 17.89 -2.80 10.74
C ASP A 139 18.72 -4.03 10.86
N THR A 140 19.22 -4.36 12.04
CA THR A 140 20.17 -5.49 12.16
C THR A 140 19.70 -6.89 11.82
N PHE A 141 18.56 -7.00 11.13
CA PHE A 141 17.95 -8.35 10.93
C PHE A 141 18.14 -8.99 9.57
N ARG A 142 17.44 -10.09 9.34
CA ARG A 142 17.44 -10.86 8.11
C ARG A 142 16.74 -10.06 6.97
N ALA A 143 17.11 -8.80 6.89
CA ALA A 143 16.51 -7.90 5.95
C ALA A 143 17.45 -7.62 4.73
N ALA A 144 16.98 -8.00 3.54
CA ALA A 144 17.80 -7.70 2.36
C ALA A 144 17.50 -8.65 1.24
N GLY A 145 17.92 -8.32 0.03
CA GLY A 145 17.63 -9.10 -1.16
C GLY A 145 18.88 -9.88 -1.31
N GLY A 146 19.34 -10.39 -0.16
CA GLY A 146 20.55 -11.22 -0.17
C GLY A 146 21.73 -10.28 -0.08
N THR A 147 21.48 -8.96 -0.21
CA THR A 147 22.56 -7.96 -0.11
C THR A 147 22.36 -7.02 1.06
N GLN A 148 23.10 -7.23 2.15
CA GLN A 148 23.04 -6.43 3.34
C GLN A 148 23.68 -5.04 3.06
N LEU A 149 23.37 -4.04 3.90
CA LEU A 149 23.94 -2.71 3.80
C LEU A 149 25.45 -2.86 4.00
N SER A 150 25.85 -3.78 4.86
CA SER A 150 27.26 -4.08 5.15
C SER A 150 28.05 -4.37 3.87
N GLU A 151 27.55 -5.26 3.04
CA GLU A 151 28.14 -5.57 1.74
C GLU A 151 28.27 -4.33 0.84
N TRP A 152 27.22 -3.56 0.74
CA TRP A 152 27.31 -2.40 -0.12
C TRP A 152 28.43 -1.47 0.35
N GLY A 153 28.60 -1.33 1.65
CA GLY A 153 29.65 -0.52 2.25
C GLY A 153 31.05 -0.94 1.77
N LYS A 154 31.35 -2.22 1.79
CA LYS A 154 32.66 -2.65 1.40
C LYS A 154 32.86 -2.28 -0.04
N ARG A 155 31.79 -2.49 -0.82
CA ARG A 155 31.88 -2.24 -2.26
C ARG A 155 32.15 -0.78 -2.55
N LEU A 156 31.63 0.10 -1.74
CA LEU A 156 31.79 1.52 -2.03
C LEU A 156 32.92 2.15 -1.25
N SER A 157 33.54 1.32 -0.39
CA SER A 157 34.56 1.72 0.53
C SER A 157 33.97 2.74 1.46
N ILE A 158 32.79 2.41 1.99
CA ILE A 158 32.13 3.22 3.02
C ILE A 158 32.05 2.43 4.34
N PRO A 159 32.51 2.95 5.46
CA PRO A 159 32.47 2.17 6.71
C PRO A 159 31.03 1.99 7.15
N VAL A 160 30.74 0.78 7.63
CA VAL A 160 29.41 0.42 8.09
C VAL A 160 29.36 0.08 9.59
N ILE A 161 28.60 0.84 10.33
CA ILE A 161 28.49 0.58 11.76
C ILE A 161 27.42 -0.48 11.84
N GLN A 162 27.78 -1.59 12.46
CA GLN A 162 26.93 -2.74 12.56
C GLN A 162 27.20 -3.61 13.84
N GLY A 163 26.26 -4.46 14.19
CA GLY A 163 26.39 -5.35 15.29
C GLY A 163 25.63 -6.62 15.01
N PRO A 164 25.68 -7.57 15.92
CA PRO A 164 25.02 -8.87 15.72
C PRO A 164 23.52 -8.70 15.68
N GLU A 165 22.80 -9.61 15.05
CA GLU A 165 21.37 -9.48 14.97
C GLU A 165 20.68 -9.34 16.32
N GLY A 166 19.72 -8.41 16.41
CA GLY A 166 19.05 -8.12 17.66
C GLY A 166 19.76 -7.04 18.49
N THR A 167 20.87 -6.49 18.02
CA THR A 167 21.56 -5.52 18.89
C THR A 167 20.66 -4.34 19.07
N ASP A 168 20.71 -3.70 20.23
CA ASP A 168 19.99 -2.45 20.44
C ASP A 168 20.40 -1.39 19.42
N PRO A 169 19.45 -0.98 18.59
CA PRO A 169 19.75 -0.15 17.42
C PRO A 169 19.96 1.32 17.81
N ALA A 170 19.29 1.77 18.85
CA ALA A 170 19.57 3.07 19.45
C ALA A 170 21.03 3.17 19.88
N ALA A 171 21.53 2.13 20.52
CA ALA A 171 22.94 2.08 20.95
C ALA A 171 23.85 1.98 19.76
N LEU A 172 23.34 1.35 18.70
CA LEU A 172 24.08 1.26 17.49
C LEU A 172 24.20 2.63 16.86
N ALA A 173 23.07 3.32 16.86
CA ALA A 173 23.01 4.65 16.18
C ALA A 173 23.89 5.62 16.93
N TYR A 174 23.86 5.46 18.25
CA TYR A 174 24.60 6.32 19.17
C TYR A 174 26.07 6.15 18.85
N ASP A 175 26.53 4.89 18.89
CA ASP A 175 27.89 4.62 18.50
C ASP A 175 28.24 5.22 17.12
N ALA A 176 27.32 5.19 16.16
CA ALA A 176 27.66 5.64 14.82
C ALA A 176 27.85 7.15 14.77
N VAL A 177 27.01 7.87 15.49
CA VAL A 177 27.20 9.28 15.52
C VAL A 177 28.58 9.63 16.17
N GLN A 178 28.96 8.89 17.22
CA GLN A 178 30.22 9.15 17.91
C GLN A 178 31.38 8.81 17.07
N ALA A 179 31.28 7.71 16.34
CA ALA A 179 32.37 7.37 15.45
C ALA A 179 32.51 8.38 14.29
N MET A 180 31.37 8.87 13.80
CA MET A 180 31.37 9.89 12.79
C MET A 180 32.06 11.17 13.22
N LYS A 181 31.73 11.64 14.40
CA LYS A 181 32.34 12.80 14.95
C LYS A 181 33.85 12.57 15.11
N ALA A 182 34.20 11.52 15.89
CA ALA A 182 35.60 11.20 16.21
C ALA A 182 36.50 11.06 15.01
N ARG A 183 36.00 10.47 13.93
CA ARG A 183 36.86 10.22 12.78
C ARG A 183 36.56 11.25 11.71
N GLY A 184 35.73 12.22 12.06
CA GLY A 184 35.43 13.34 11.17
C GLY A 184 34.75 13.01 9.82
N TYR A 185 33.68 12.23 9.85
CA TYR A 185 32.95 11.94 8.62
C TYR A 185 31.98 13.04 8.29
N ASP A 186 31.74 13.30 7.02
CA ASP A 186 30.81 14.36 6.62
C ASP A 186 29.35 13.98 6.85
N LEU A 187 28.97 12.77 6.49
CA LEU A 187 27.58 12.37 6.55
C LEU A 187 27.42 10.89 7.01
N LEU A 188 26.43 10.68 7.86
CA LEU A 188 26.14 9.42 8.36
C LEU A 188 24.70 9.08 7.93
N PHE A 189 24.52 8.01 7.22
CA PHE A 189 23.19 7.51 6.91
C PHE A 189 22.79 6.41 7.81
N VAL A 190 21.79 6.65 8.65
CA VAL A 190 21.32 5.64 9.59
C VAL A 190 20.08 4.90 9.07
N ASP A 191 20.25 3.63 8.79
CA ASP A 191 19.15 2.81 8.31
C ASP A 191 18.44 2.25 9.55
N THR A 192 17.16 1.90 9.40
CA THR A 192 16.30 1.36 10.45
C THR A 192 15.35 0.18 10.00
N ALA A 193 14.80 -0.51 10.97
CA ALA A 193 13.86 -1.56 10.76
C ALA A 193 12.66 -1.02 10.02
N GLY A 194 11.90 -1.91 9.41
CA GLY A 194 10.74 -1.58 8.65
C GLY A 194 9.55 -2.51 8.87
N ARG A 195 9.62 -3.42 9.84
CA ARG A 195 8.50 -4.34 10.02
C ARG A 195 7.48 -3.77 10.98
N LEU A 196 6.25 -3.61 10.53
CA LEU A 196 5.20 -2.99 11.31
C LEU A 196 4.53 -3.94 12.22
N HIS A 197 4.75 -5.25 12.10
CA HIS A 197 4.01 -6.12 13.01
C HIS A 197 4.82 -7.14 13.79
N THR A 198 5.89 -6.68 14.41
CA THR A 198 6.73 -7.53 15.25
C THR A 198 6.42 -7.27 16.74
N LYS A 199 7.19 -7.91 17.65
CA LYS A 199 7.00 -7.76 19.09
C LYS A 199 7.50 -6.39 19.65
N HIS A 200 8.22 -5.63 18.87
CA HIS A 200 8.65 -4.31 19.27
C HIS A 200 7.95 -3.29 18.39
N ASN A 201 6.97 -2.55 18.96
CA ASN A 201 6.33 -1.45 18.21
C ASN A 201 7.37 -0.66 17.41
N LEU A 202 7.18 -0.55 16.12
CA LEU A 202 8.10 0.14 15.23
C LEU A 202 8.35 1.62 15.46
N MET A 203 7.29 2.40 15.62
CA MET A 203 7.33 3.86 15.80
C MET A 203 8.06 4.22 17.10
N GLU A 204 7.86 3.43 18.12
CA GLU A 204 8.59 3.61 19.37
C GLU A 204 10.10 3.40 19.17
N GLU A 205 10.47 2.36 18.42
CA GLU A 205 11.88 2.08 18.21
C GLU A 205 12.51 3.23 17.41
N LEU A 206 11.75 3.77 16.45
CA LEU A 206 12.31 4.83 15.62
C LEU A 206 12.49 6.06 16.53
N LYS A 207 11.48 6.41 17.31
CA LYS A 207 11.61 7.50 18.25
C LYS A 207 12.82 7.28 19.17
N LYS A 208 12.99 6.07 19.66
CA LYS A 208 14.12 5.80 20.48
C LYS A 208 15.53 5.99 19.79
N VAL A 209 15.63 5.68 18.49
CA VAL A 209 16.85 5.79 17.72
C VAL A 209 17.16 7.24 17.45
N LYS A 210 16.13 8.05 17.26
CA LYS A 210 16.29 9.47 16.97
C LYS A 210 16.81 10.13 18.27
N ARG A 211 16.26 9.76 19.41
CA ARG A 211 16.65 10.25 20.74
C ARG A 211 18.15 10.02 20.98
N ALA A 212 18.58 8.81 20.67
CA ALA A 212 19.94 8.39 20.86
C ALA A 212 20.90 9.23 20.00
N ILE A 213 20.50 9.47 18.74
CA ILE A 213 21.34 10.27 17.86
C ILE A 213 21.50 11.71 18.43
N ALA A 214 20.43 12.34 18.84
CA ALA A 214 20.49 13.69 19.34
C ALA A 214 21.32 13.71 20.59
N LYS A 215 21.10 12.72 21.46
CA LYS A 215 21.86 12.55 22.68
C LYS A 215 23.33 12.57 22.39
N ALA A 216 23.73 12.02 21.28
CA ALA A 216 25.14 11.99 20.94
C ALA A 216 25.53 13.29 20.21
N ASP A 217 24.57 13.88 19.53
CA ASP A 217 24.76 15.12 18.81
C ASP A 217 23.42 15.93 18.82
N PRO A 218 23.31 16.85 19.77
CA PRO A 218 22.10 17.62 20.05
C PRO A 218 21.24 18.12 18.93
N GLU A 219 21.86 18.51 17.83
CA GLU A 219 21.06 19.07 16.76
C GLU A 219 20.70 17.99 15.70
N GLU A 220 21.16 16.79 15.93
CA GLU A 220 20.89 15.75 14.96
C GLU A 220 19.71 14.90 15.31
N PRO A 221 19.07 14.27 14.33
CA PRO A 221 19.46 14.37 12.91
C PRO A 221 18.75 15.47 12.15
N LYS A 222 19.48 16.22 11.33
CA LYS A 222 18.91 17.34 10.59
C LYS A 222 18.07 16.91 9.39
N GLU A 223 18.12 15.62 9.04
CA GLU A 223 17.31 15.10 7.98
C GLU A 223 16.69 13.74 8.45
N VAL A 224 15.39 13.58 8.14
CA VAL A 224 14.74 12.29 8.32
C VAL A 224 14.01 12.05 7.02
N TRP A 225 14.58 11.22 6.16
CA TRP A 225 14.04 10.91 4.85
C TRP A 225 13.37 9.49 4.89
N LEU A 226 12.11 9.47 4.44
CA LEU A 226 11.31 8.29 4.29
C LEU A 226 11.43 7.79 2.86
N VAL A 227 11.62 6.48 2.69
CA VAL A 227 11.70 5.92 1.34
C VAL A 227 10.31 5.36 1.01
N LEU A 228 9.74 5.64 -0.18
CA LEU A 228 8.46 5.04 -0.61
C LEU A 228 8.61 4.47 -2.00
N ASP A 229 8.01 3.32 -2.24
CA ASP A 229 8.03 2.63 -3.53
C ASP A 229 6.77 3.09 -4.29
N ALA A 230 6.99 3.68 -5.45
CA ALA A 230 5.90 4.20 -6.23
C ALA A 230 4.92 3.12 -6.59
N VAL A 231 5.38 1.91 -6.77
CA VAL A 231 4.49 0.79 -7.12
C VAL A 231 3.40 0.64 -6.02
N THR A 232 3.76 0.98 -4.78
CA THR A 232 2.81 0.81 -3.69
C THR A 232 1.72 1.87 -3.82
N GLY A 233 2.10 2.99 -4.41
CA GLY A 233 1.18 4.05 -4.70
C GLY A 233 0.24 4.56 -3.63
N GLN A 234 -1.01 4.40 -3.95
CA GLN A 234 -2.10 4.86 -3.15
C GLN A 234 -1.86 4.75 -1.60
N ASN A 235 -1.48 3.58 -1.06
CA ASN A 235 -1.37 3.35 0.40
C ASN A 235 0.01 3.67 1.01
N GLY A 236 1.07 3.65 0.20
CA GLY A 236 2.39 3.95 0.68
C GLY A 236 2.37 5.37 1.32
N LEU A 237 1.47 6.25 0.86
CA LEU A 237 1.36 7.58 1.45
C LEU A 237 0.56 7.48 2.79
N GLU A 238 -0.42 6.64 2.83
CA GLU A 238 -1.15 6.53 4.07
C GLU A 238 -0.15 6.27 5.19
N GLN A 239 0.51 5.13 5.12
CA GLN A 239 1.48 4.68 6.11
C GLN A 239 2.55 5.76 6.35
N ALA A 240 2.86 6.45 5.28
CA ALA A 240 3.83 7.52 5.42
C ALA A 240 3.41 8.47 6.54
N LYS A 241 2.11 8.73 6.64
CA LYS A 241 1.62 9.65 7.69
C LYS A 241 2.09 9.24 9.08
N LYS A 242 1.98 7.98 9.37
CA LYS A 242 2.37 7.52 10.69
C LYS A 242 3.81 7.77 10.97
N PHE A 243 4.67 7.59 9.96
CA PHE A 243 6.09 7.81 10.11
C PHE A 243 6.34 9.32 10.43
N HIS A 244 5.55 10.13 9.78
CA HIS A 244 5.70 11.57 9.89
C HIS A 244 5.38 11.99 11.28
N GLU A 245 4.29 11.43 11.81
CA GLU A 245 3.91 11.75 13.20
C GLU A 245 4.87 11.28 14.30
N ALA A 246 5.64 10.24 14.04
CA ALA A 246 6.55 9.69 15.03
C ALA A 246 7.92 10.36 15.03
N VAL A 247 8.45 10.62 13.88
CA VAL A 247 9.78 11.19 13.89
C VAL A 247 10.06 12.50 13.07
N GLY A 248 9.04 13.14 12.54
CA GLY A 248 9.21 14.39 11.76
C GLY A 248 10.07 14.32 10.52
N LEU A 249 9.45 13.93 9.42
CA LEU A 249 10.11 13.88 8.13
C LEU A 249 10.54 15.23 7.60
N THR A 250 11.70 15.31 7.00
CA THR A 250 12.07 16.51 6.32
C THR A 250 12.17 16.15 4.84
N GLY A 251 11.84 14.95 4.46
CA GLY A 251 11.97 14.59 3.05
C GLY A 251 11.50 13.21 2.62
N VAL A 252 11.30 13.00 1.31
CA VAL A 252 10.83 11.72 0.80
C VAL A 252 11.55 11.30 -0.48
N ILE A 253 11.89 10.04 -0.54
CA ILE A 253 12.53 9.51 -1.67
C ILE A 253 11.55 8.50 -2.22
N VAL A 254 11.20 8.63 -3.51
CA VAL A 254 10.30 7.69 -4.17
C VAL A 254 11.09 6.85 -5.17
N THR A 255 11.11 5.53 -4.93
CA THR A 255 11.75 4.61 -5.84
C THR A 255 10.77 3.96 -6.80
N LYS A 256 11.34 3.34 -7.81
CA LYS A 256 10.67 2.54 -8.84
C LYS A 256 9.60 3.24 -9.69
N LEU A 257 9.77 4.54 -9.93
CA LEU A 257 8.80 5.24 -10.73
C LEU A 257 8.59 4.46 -12.02
N ASP A 258 9.69 3.92 -12.55
CA ASP A 258 9.62 3.22 -13.81
C ASP A 258 8.80 1.97 -13.86
N GLY A 259 8.46 1.38 -12.70
CA GLY A 259 7.66 0.15 -12.63
C GLY A 259 6.17 0.31 -12.31
N THR A 260 5.64 1.50 -12.53
CA THR A 260 4.24 1.72 -12.32
C THR A 260 3.71 2.79 -13.25
N ALA A 261 2.43 2.82 -13.38
CA ALA A 261 1.76 3.85 -14.16
C ALA A 261 1.20 4.87 -13.18
N LYS A 262 1.64 4.78 -11.93
CA LYS A 262 1.13 5.66 -10.84
C LYS A 262 2.07 6.76 -10.43
N GLY A 263 2.93 7.20 -11.35
CA GLY A 263 3.94 8.18 -11.04
C GLY A 263 3.42 9.53 -10.63
N GLY A 264 2.11 9.76 -10.76
CA GLY A 264 1.54 11.02 -10.36
C GLY A 264 1.45 11.12 -8.85
N VAL A 265 1.63 9.99 -8.19
CA VAL A 265 1.58 9.93 -6.74
C VAL A 265 2.49 10.91 -6.08
N LEU A 266 3.48 11.40 -6.81
CA LEU A 266 4.36 12.43 -6.14
C LEU A 266 3.63 13.70 -5.67
N ILE A 267 2.52 14.02 -6.34
CA ILE A 267 1.70 15.16 -5.95
C ILE A 267 1.04 15.05 -4.59
N PRO A 268 0.23 14.05 -4.33
CA PRO A 268 -0.46 13.94 -3.03
C PRO A 268 0.55 13.71 -1.84
N ILE A 269 1.73 13.24 -2.17
CA ILE A 269 2.71 13.01 -1.22
C ILE A 269 3.19 14.31 -0.71
N VAL A 270 3.53 15.24 -1.61
CA VAL A 270 4.13 16.48 -1.19
C VAL A 270 3.03 17.33 -0.51
N ARG A 271 1.82 17.29 -1.08
CA ARG A 271 0.74 18.08 -0.54
C ARG A 271 0.34 17.60 0.84
N THR A 272 0.38 16.27 1.05
CA THR A 272 -0.06 15.73 2.34
C THR A 272 0.97 15.76 3.49
N LEU A 273 2.23 15.50 3.18
CA LEU A 273 3.29 15.48 4.14
C LEU A 273 4.03 16.84 4.30
N LYS A 274 3.81 17.73 3.35
CA LYS A 274 4.40 19.05 3.32
C LYS A 274 5.91 19.03 3.48
N VAL A 275 6.58 18.09 2.86
CA VAL A 275 8.03 18.08 2.76
C VAL A 275 8.40 17.78 1.34
N PRO A 276 9.52 18.24 0.90
CA PRO A 276 9.88 18.00 -0.52
C PRO A 276 10.28 16.57 -0.94
N ILE A 277 10.16 16.26 -2.23
CA ILE A 277 10.65 15.02 -2.71
C ILE A 277 12.12 15.31 -2.97
N LYS A 278 13.02 14.55 -2.36
CA LYS A 278 14.50 14.70 -2.49
C LYS A 278 15.08 14.04 -3.68
N PHE A 279 14.84 12.71 -3.80
CA PHE A 279 15.35 11.96 -4.97
C PHE A 279 14.26 11.11 -5.55
N VAL A 280 14.34 10.83 -6.87
CA VAL A 280 13.40 9.93 -7.48
C VAL A 280 14.14 8.83 -8.18
N GLY A 281 13.69 7.58 -7.98
CA GLY A 281 14.30 6.43 -8.64
C GLY A 281 13.73 6.11 -9.98
N VAL A 282 14.53 6.20 -11.05
CA VAL A 282 13.99 6.05 -12.42
C VAL A 282 14.48 4.81 -13.05
N GLY A 283 15.18 4.01 -12.28
CA GLY A 283 15.75 2.73 -12.76
C GLY A 283 16.58 2.02 -11.69
N GLU A 284 17.29 0.97 -12.06
CA GLU A 284 18.14 0.31 -11.06
C GLU A 284 19.66 0.55 -11.29
N GLY A 285 19.97 1.44 -12.22
CA GLY A 285 21.36 1.87 -12.44
C GLY A 285 21.85 2.82 -11.31
N PRO A 286 23.17 2.87 -11.14
CA PRO A 286 23.80 3.70 -10.12
C PRO A 286 23.38 5.14 -10.23
N ASP A 287 23.26 5.69 -11.44
CA ASP A 287 22.85 7.07 -11.60
C ASP A 287 21.32 7.14 -11.75
N ASP A 288 20.64 6.04 -11.54
CA ASP A 288 19.16 6.14 -11.66
C ASP A 288 18.46 6.74 -10.48
N LEU A 289 19.16 7.06 -9.39
CA LEU A 289 18.50 7.74 -8.28
C LEU A 289 18.73 9.22 -8.50
N GLN A 290 17.78 9.95 -9.12
CA GLN A 290 18.04 11.35 -9.41
C GLN A 290 17.53 12.34 -8.40
N PRO A 291 18.18 13.48 -8.30
CA PRO A 291 17.73 14.54 -7.39
C PRO A 291 16.46 15.01 -8.04
N PHE A 292 15.41 15.28 -7.26
CA PHE A 292 14.12 15.66 -7.82
C PHE A 292 14.12 17.05 -8.39
N ASP A 293 13.36 17.23 -9.44
CA ASP A 293 13.25 18.54 -10.08
C ASP A 293 11.82 18.70 -10.56
N PRO A 294 10.98 19.42 -9.81
CA PRO A 294 9.57 19.56 -10.14
C PRO A 294 9.36 19.89 -11.57
N GLU A 295 9.83 21.03 -12.02
CA GLU A 295 9.78 21.42 -13.43
C GLU A 295 10.03 20.29 -14.43
N ALA A 296 11.20 19.69 -14.38
CA ALA A 296 11.60 18.62 -15.25
C ALA A 296 10.62 17.38 -15.08
N PHE A 297 10.20 17.12 -13.84
CA PHE A 297 9.27 16.05 -13.55
C PHE A 297 7.96 16.24 -14.30
N VAL A 298 7.43 17.45 -14.21
CA VAL A 298 6.16 17.72 -14.84
C VAL A 298 6.26 17.72 -16.37
N GLU A 299 7.40 18.19 -16.88
CA GLU A 299 7.61 18.27 -18.28
C GLU A 299 7.62 16.86 -18.83
N ALA A 300 8.19 15.97 -18.04
CA ALA A 300 8.31 14.58 -18.42
C ALA A 300 6.94 13.89 -18.39
N LEU A 301 6.10 14.31 -17.47
CA LEU A 301 4.75 13.82 -17.28
C LEU A 301 3.89 14.18 -18.44
N LEU A 302 4.12 15.35 -19.04
CA LEU A 302 3.29 15.85 -20.10
C LEU A 302 3.89 15.79 -21.51
N GLU A 303 5.16 15.39 -21.62
CA GLU A 303 5.87 15.26 -22.90
C GLU A 303 6.71 13.96 -22.97
N MET B 1 -33.14 -2.36 5.57
CA MET B 1 -32.64 -1.44 6.63
C MET B 1 -31.83 -2.21 7.71
N GLY B 2 -32.24 -3.45 7.98
CA GLY B 2 -31.60 -4.25 9.00
C GLY B 2 -30.08 -4.02 9.02
N PHE B 3 -29.37 -4.72 8.14
CA PHE B 3 -27.93 -4.64 8.08
C PHE B 3 -27.54 -3.60 7.05
N PHE B 4 -28.54 -3.16 6.29
CA PHE B 4 -28.31 -2.14 5.26
C PHE B 4 -27.82 -0.84 5.89
N ASP B 5 -28.19 -0.60 7.13
CA ASP B 5 -27.74 0.57 7.85
C ASP B 5 -26.22 0.55 7.91
N ARG B 6 -25.67 -0.50 8.52
CA ARG B 6 -24.23 -0.63 8.68
C ARG B 6 -23.50 -0.74 7.35
N LEU B 7 -24.19 -1.24 6.35
CA LEU B 7 -23.61 -1.34 5.05
C LEU B 7 -23.50 0.05 4.37
N LYS B 8 -24.56 0.84 4.44
CA LYS B 8 -24.51 2.16 3.84
C LYS B 8 -23.38 2.91 4.52
N ALA B 9 -23.31 2.74 5.82
CA ALA B 9 -22.32 3.42 6.63
C ALA B 9 -20.92 2.98 6.24
N GLY B 10 -20.78 1.72 5.88
CA GLY B 10 -19.47 1.28 5.44
C GLY B 10 -18.99 1.91 4.13
N LEU B 11 -19.94 2.23 3.27
CA LEU B 11 -19.61 2.82 2.01
C LEU B 11 -19.79 4.36 1.97
N ALA B 12 -20.12 4.98 3.07
CA ALA B 12 -20.36 6.42 3.08
C ALA B 12 -19.16 7.15 2.52
N LYS B 13 -17.99 6.92 3.13
CA LYS B 13 -16.76 7.56 2.70
C LYS B 13 -16.46 7.30 1.23
N THR B 14 -16.82 6.12 0.73
CA THR B 14 -16.58 5.90 -0.67
C THR B 14 -17.63 6.69 -1.46
N ARG B 15 -18.86 6.71 -0.94
CA ARG B 15 -19.96 7.35 -1.62
C ARG B 15 -19.92 8.89 -1.72
N GLU B 16 -19.62 9.53 -0.59
CA GLU B 16 -19.73 10.94 -0.42
C GLU B 16 -18.91 11.79 -1.42
N ARG B 17 -17.77 11.26 -1.83
CA ARG B 17 -16.86 12.03 -2.64
C ARG B 17 -17.45 12.48 -3.98
N LEU B 18 -18.02 11.56 -4.76
CA LEU B 18 -18.65 11.94 -6.02
C LEU B 18 -19.93 11.18 -6.32
N LEU B 19 -19.94 9.87 -6.06
CA LEU B 19 -21.04 8.98 -6.40
C LEU B 19 -22.45 9.54 -6.06
N LYS B 20 -22.61 10.10 -4.87
CA LYS B 20 -23.87 10.59 -4.37
C LYS B 20 -24.30 11.82 -5.14
N ALA B 21 -23.33 12.60 -5.63
CA ALA B 21 -23.71 13.83 -6.34
C ALA B 21 -24.07 13.63 -7.79
N ILE B 22 -24.06 12.39 -8.28
CA ILE B 22 -24.40 12.09 -9.69
C ILE B 22 -25.92 12.22 -10.05
N PRO B 23 -26.27 13.19 -10.88
CA PRO B 23 -27.70 13.41 -11.27
C PRO B 23 -28.28 12.29 -12.15
N TRP B 24 -28.27 11.07 -11.60
CA TRP B 24 -28.77 9.88 -12.26
C TRP B 24 -30.09 10.16 -12.98
N GLY B 25 -30.04 10.06 -14.30
CA GLY B 25 -31.18 10.34 -15.13
C GLY B 25 -31.17 11.80 -15.50
N GLY B 26 -30.17 12.19 -16.30
CA GLY B 26 -30.09 13.60 -16.64
C GLY B 26 -29.71 13.91 -18.05
N ASN B 27 -28.60 14.63 -18.17
CA ASN B 27 -28.18 15.14 -19.47
C ASN B 27 -27.52 14.10 -20.35
N LEU B 28 -27.22 14.48 -21.59
CA LEU B 28 -26.56 13.58 -22.53
C LEU B 28 -25.04 13.58 -22.31
N GLU B 29 -24.46 12.39 -22.31
CA GLU B 29 -23.23 12.15 -21.55
C GLU B 29 -23.25 12.88 -20.21
N GLU B 30 -22.07 13.29 -19.76
CA GLU B 30 -21.96 14.21 -18.62
C GLU B 30 -22.40 13.53 -17.33
N VAL B 31 -23.49 12.79 -17.39
CA VAL B 31 -23.89 11.90 -16.28
C VAL B 31 -22.88 10.76 -16.28
N LEU B 32 -22.69 10.16 -17.47
CA LEU B 32 -21.68 9.13 -17.65
C LEU B 32 -20.32 9.67 -17.22
N GLU B 33 -20.02 10.89 -17.68
CA GLU B 33 -18.77 11.56 -17.43
C GLU B 33 -18.53 11.60 -15.94
N GLU B 34 -19.56 11.99 -15.18
CA GLU B 34 -19.37 12.01 -13.75
C GLU B 34 -19.17 10.57 -13.24
N LEU B 35 -19.80 9.62 -13.90
CA LEU B 35 -19.69 8.23 -13.47
C LEU B 35 -18.21 7.81 -13.61
N GLU B 36 -17.59 8.14 -14.74
CA GLU B 36 -16.21 7.81 -14.95
C GLU B 36 -15.31 8.31 -13.80
N MET B 37 -15.35 9.62 -13.49
CA MET B 37 -14.55 10.14 -12.41
C MET B 37 -14.90 9.43 -11.12
N ALA B 38 -16.20 9.20 -10.94
CA ALA B 38 -16.64 8.61 -9.69
C ALA B 38 -16.09 7.23 -9.51
N LEU B 39 -16.06 6.46 -10.57
CA LEU B 39 -15.52 5.07 -10.49
C LEU B 39 -13.98 5.04 -10.27
N LEU B 40 -13.23 5.88 -11.00
CA LEU B 40 -11.81 5.90 -10.83
C LEU B 40 -11.44 6.27 -9.43
N ALA B 41 -12.11 7.25 -8.87
CA ALA B 41 -11.84 7.71 -7.52
C ALA B 41 -12.35 6.72 -6.52
N ALA B 42 -13.22 5.81 -6.98
CA ALA B 42 -13.66 4.78 -6.06
C ALA B 42 -12.71 3.56 -6.09
N ASP B 43 -11.63 3.67 -6.88
CA ASP B 43 -10.66 2.59 -7.09
C ASP B 43 -11.18 1.35 -7.92
N VAL B 44 -12.14 1.59 -8.78
CA VAL B 44 -12.65 0.60 -9.65
C VAL B 44 -11.62 0.33 -10.74
N GLY B 45 -10.63 1.22 -10.88
CA GLY B 45 -9.56 0.91 -11.84
C GLY B 45 -9.86 1.21 -13.30
N LEU B 46 -8.81 1.53 -14.06
CA LEU B 46 -9.03 2.00 -15.40
C LEU B 46 -9.74 1.03 -16.38
N SER B 47 -9.28 -0.19 -16.49
CA SER B 47 -9.88 -1.12 -17.42
C SER B 47 -11.38 -1.32 -17.12
N ALA B 48 -11.73 -1.64 -15.87
CA ALA B 48 -13.14 -1.88 -15.50
C ALA B 48 -13.96 -0.63 -15.67
N THR B 49 -13.38 0.50 -15.31
CA THR B 49 -14.12 1.74 -15.54
C THR B 49 -14.45 1.96 -17.00
N GLU B 50 -13.45 1.85 -17.90
CA GLU B 50 -13.66 2.05 -19.34
C GLU B 50 -14.66 1.00 -19.92
N GLU B 51 -14.55 -0.24 -19.42
CA GLU B 51 -15.44 -1.26 -19.87
C GLU B 51 -16.87 -0.83 -19.56
N ILE B 52 -17.14 -0.61 -18.29
CA ILE B 52 -18.46 -0.19 -17.81
C ILE B 52 -19.04 0.93 -18.65
N LEU B 53 -18.22 1.87 -19.03
CA LEU B 53 -18.68 2.97 -19.86
C LEU B 53 -19.09 2.47 -21.25
N GLN B 54 -18.16 1.82 -21.94
CA GLN B 54 -18.45 1.26 -23.24
C GLN B 54 -19.76 0.52 -23.15
N GLU B 55 -19.86 -0.44 -22.24
CA GLU B 55 -21.08 -1.23 -22.05
C GLU B 55 -22.32 -0.36 -21.97
N VAL B 56 -22.40 0.46 -20.93
CA VAL B 56 -23.60 1.28 -20.76
C VAL B 56 -23.88 2.25 -21.91
N ARG B 57 -22.86 2.82 -22.54
CA ARG B 57 -23.04 3.72 -23.67
C ARG B 57 -23.80 3.09 -24.80
N ALA B 58 -23.81 1.77 -24.81
CA ALA B 58 -24.55 1.02 -25.81
C ALA B 58 -25.92 0.59 -25.28
N SER B 59 -26.53 1.43 -24.44
CA SER B 59 -27.83 1.10 -23.84
C SER B 59 -28.84 2.23 -23.95
N GLY B 60 -30.01 2.04 -23.35
CA GLY B 60 -31.04 3.07 -23.34
C GLY B 60 -30.89 3.92 -22.09
N LEU B 64 -30.52 4.20 -17.04
CA LEU B 64 -29.08 4.46 -16.95
C LEU B 64 -28.51 3.90 -15.66
N LYS B 65 -29.03 4.39 -14.54
CA LYS B 65 -28.60 3.93 -13.26
C LYS B 65 -28.80 2.42 -13.12
N GLU B 66 -29.89 1.90 -13.69
CA GLU B 66 -30.16 0.45 -13.70
C GLU B 66 -29.10 -0.24 -14.53
N ALA B 67 -28.82 0.35 -15.69
CA ALA B 67 -27.78 -0.17 -16.57
C ALA B 67 -26.42 -0.18 -15.89
N VAL B 68 -26.14 0.84 -15.08
CA VAL B 68 -24.84 0.94 -14.40
C VAL B 68 -24.80 -0.07 -13.29
N LYS B 69 -25.82 0.02 -12.45
CA LYS B 69 -26.00 -0.93 -11.38
C LYS B 69 -25.89 -2.36 -11.90
N GLU B 70 -26.64 -2.64 -12.92
CA GLU B 70 -26.63 -3.94 -13.53
C GLU B 70 -25.24 -4.38 -13.91
N LYS B 71 -24.43 -3.45 -14.41
CA LYS B 71 -23.12 -3.76 -14.90
C LYS B 71 -22.13 -3.87 -13.70
N LEU B 72 -22.32 -3.06 -12.68
CA LEU B 72 -21.46 -3.18 -11.53
C LEU B 72 -21.66 -4.56 -10.90
N VAL B 73 -22.92 -4.96 -10.75
CA VAL B 73 -23.23 -6.22 -10.16
C VAL B 73 -22.57 -7.40 -10.88
N GLY B 74 -22.65 -7.43 -12.20
CA GLY B 74 -22.12 -8.55 -12.98
C GLY B 74 -20.61 -8.75 -12.81
N MET B 75 -19.87 -7.67 -12.69
CA MET B 75 -18.43 -7.74 -12.53
C MET B 75 -18.00 -8.15 -11.11
N LEU B 76 -18.93 -8.15 -10.14
CA LEU B 76 -18.61 -8.56 -8.79
C LEU B 76 -18.84 -10.04 -8.67
N GLU B 77 -19.01 -10.69 -9.79
CA GLU B 77 -19.30 -12.14 -9.85
C GLU B 77 -18.41 -12.73 -10.93
N PRO B 78 -17.50 -13.62 -10.54
CA PRO B 78 -16.48 -14.21 -11.40
C PRO B 78 -16.97 -15.14 -12.55
N ASP B 79 -18.21 -15.64 -12.45
CA ASP B 79 -18.80 -16.52 -13.46
C ASP B 79 -18.97 -15.72 -14.76
N LYS B 94 -32.18 -8.99 2.47
CA LYS B 94 -31.52 -9.36 3.72
C LYS B 94 -30.38 -10.39 3.51
N PRO B 95 -29.41 -10.36 4.42
CA PRO B 95 -28.27 -11.29 4.35
C PRO B 95 -28.54 -12.73 4.85
N LYS B 96 -28.09 -13.67 4.05
CA LYS B 96 -28.25 -15.07 4.35
C LYS B 96 -26.85 -15.63 4.65
N PRO B 97 -26.70 -16.33 5.76
CA PRO B 97 -25.39 -16.87 6.20
C PRO B 97 -24.75 -17.84 5.24
N VAL B 98 -23.59 -17.50 4.68
CA VAL B 98 -22.91 -18.39 3.71
C VAL B 98 -22.30 -19.57 4.39
N GLU B 99 -22.34 -20.75 3.75
CA GLU B 99 -21.76 -21.96 4.37
C GLU B 99 -20.48 -22.46 3.68
N PRO B 100 -19.40 -22.66 4.44
CA PRO B 100 -18.16 -23.21 3.86
C PRO B 100 -18.44 -24.51 3.14
N LYS B 101 -17.76 -24.79 2.04
CA LYS B 101 -18.10 -25.93 1.24
C LYS B 101 -17.85 -27.14 2.09
N GLY B 102 -16.84 -27.07 2.93
CA GLY B 102 -16.53 -28.18 3.83
C GLY B 102 -16.26 -27.85 5.30
N ARG B 103 -15.47 -28.71 5.99
CA ARG B 103 -15.18 -28.53 7.39
C ARG B 103 -13.91 -27.69 7.68
N VAL B 104 -12.93 -27.72 6.79
CA VAL B 104 -11.74 -26.94 6.98
C VAL B 104 -11.54 -25.70 6.11
N VAL B 105 -11.38 -24.52 6.74
CA VAL B 105 -11.19 -23.27 6.04
C VAL B 105 -9.75 -22.76 6.35
N LEU B 106 -8.92 -22.73 5.33
CA LEU B 106 -7.56 -22.25 5.47
C LEU B 106 -7.62 -20.73 5.16
N VAL B 107 -7.21 -19.94 6.11
CA VAL B 107 -7.26 -18.48 6.03
C VAL B 107 -5.84 -17.88 5.80
N VAL B 108 -5.65 -17.24 4.68
CA VAL B 108 -4.32 -16.69 4.35
C VAL B 108 -4.37 -15.21 4.13
N GLY B 109 -3.18 -14.61 4.10
CA GLY B 109 -3.01 -13.18 3.90
C GLY B 109 -1.71 -12.65 4.51
N VAL B 110 -1.34 -11.40 4.24
CA VAL B 110 -0.11 -10.87 4.88
C VAL B 110 -0.43 -10.40 6.30
N ASN B 111 0.61 -10.30 7.11
CA ASN B 111 0.48 -9.78 8.47
C ASN B 111 -0.17 -8.37 8.54
N GLY B 112 -0.95 -8.12 9.60
CA GLY B 112 -1.54 -6.82 9.89
C GLY B 112 -2.77 -6.54 9.07
N VAL B 113 -3.22 -7.49 8.27
CA VAL B 113 -4.39 -7.24 7.47
C VAL B 113 -5.64 -7.61 8.21
N GLY B 114 -5.49 -8.11 9.43
CA GLY B 114 -6.63 -8.53 10.20
C GLY B 114 -7.12 -9.97 10.10
N LYS B 115 -6.21 -10.88 9.99
CA LYS B 115 -6.53 -12.29 9.86
C LYS B 115 -7.04 -12.89 11.17
N THR B 116 -6.31 -12.64 12.23
CA THR B 116 -6.70 -13.19 13.53
C THR B 116 -8.06 -12.70 13.99
N THR B 117 -8.32 -11.41 13.84
CA THR B 117 -9.55 -10.80 14.27
C THR B 117 -10.76 -11.30 13.44
N THR B 118 -10.53 -11.52 12.15
CA THR B 118 -11.51 -12.01 11.18
C THR B 118 -11.89 -13.45 11.59
N ILE B 119 -10.90 -14.22 12.05
CA ILE B 119 -11.17 -15.60 12.42
C ILE B 119 -12.06 -15.62 13.65
N ALA B 120 -11.75 -14.73 14.59
CA ALA B 120 -12.51 -14.66 15.81
C ALA B 120 -13.96 -14.37 15.47
N LYS B 121 -14.20 -13.34 14.66
CA LYS B 121 -15.55 -12.99 14.20
C LYS B 121 -16.25 -14.14 13.44
N LEU B 122 -15.54 -14.83 12.60
CA LEU B 122 -16.18 -15.92 11.85
C LEU B 122 -16.59 -17.03 12.85
N GLY B 123 -15.66 -17.41 13.74
CA GLY B 123 -15.95 -18.47 14.65
C GLY B 123 -17.20 -18.11 15.42
N ARG B 124 -17.21 -16.90 15.95
CA ARG B 124 -18.33 -16.42 16.76
C ARG B 124 -19.57 -16.41 15.84
N TYR B 125 -19.42 -15.99 14.62
CA TYR B 125 -20.51 -15.91 13.66
C TYR B 125 -21.11 -17.34 13.40
N TYR B 126 -20.22 -18.37 13.28
CA TYR B 126 -20.68 -19.71 12.96
C TYR B 126 -21.11 -20.47 14.18
N GLN B 127 -20.53 -20.17 15.30
CA GLN B 127 -20.95 -20.80 16.53
C GLN B 127 -22.35 -20.30 16.94
N ASN B 128 -22.66 -19.06 16.59
CA ASN B 128 -23.90 -18.48 16.88
C ASN B 128 -24.98 -19.15 16.01
N LEU B 129 -24.52 -19.73 14.91
CA LEU B 129 -25.38 -20.40 14.03
C LEU B 129 -25.51 -21.88 14.28
N GLY B 130 -25.09 -22.39 15.44
CA GLY B 130 -25.33 -23.79 15.75
C GLY B 130 -24.16 -24.76 15.55
N LYS B 131 -23.25 -24.36 14.69
CA LYS B 131 -22.04 -25.12 14.36
C LYS B 131 -20.99 -25.18 15.45
N LYS B 132 -20.32 -26.30 15.52
CA LYS B 132 -19.19 -26.47 16.38
C LYS B 132 -17.91 -26.06 15.70
N VAL B 133 -17.26 -25.01 16.23
CA VAL B 133 -16.10 -24.36 15.61
C VAL B 133 -14.85 -24.61 16.42
N MET B 134 -13.74 -24.82 15.77
CA MET B 134 -12.47 -25.04 16.43
C MET B 134 -11.44 -24.09 15.67
N PHE B 135 -10.34 -23.76 16.31
CA PHE B 135 -9.30 -22.94 15.71
C PHE B 135 -7.93 -23.66 15.68
N CYS B 136 -7.14 -23.34 14.70
CA CYS B 136 -5.77 -23.79 14.65
C CYS B 136 -4.85 -22.51 14.48
N ALA B 137 -4.01 -22.31 15.49
CA ALA B 137 -3.07 -21.21 15.58
C ALA B 137 -1.83 -21.51 14.78
N GLY B 138 -1.94 -21.54 13.48
CA GLY B 138 -0.81 -21.87 12.65
C GLY B 138 0.20 -20.78 12.36
N ASP B 139 -0.02 -19.51 12.79
CA ASP B 139 1.00 -18.52 12.64
C ASP B 139 2.12 -18.81 13.64
N THR B 140 2.87 -19.88 13.45
CA THR B 140 3.89 -20.30 14.41
C THR B 140 5.16 -19.47 14.63
N PHE B 141 5.63 -18.81 13.59
CA PHE B 141 6.88 -18.10 13.70
C PHE B 141 6.77 -16.75 14.31
N ARG B 142 5.64 -16.45 14.96
CA ARG B 142 5.44 -15.17 15.64
C ARG B 142 4.98 -15.43 17.05
N ALA B 143 5.11 -14.43 17.92
CA ALA B 143 4.65 -14.49 19.30
C ALA B 143 3.11 -14.37 19.36
N ALA B 144 2.60 -13.16 19.12
CA ALA B 144 1.18 -12.88 19.30
C ALA B 144 0.44 -13.41 18.15
N GLY B 145 1.21 -14.18 17.37
CA GLY B 145 0.68 -14.80 16.19
C GLY B 145 -0.16 -15.97 16.61
N GLY B 146 0.30 -16.74 17.57
CA GLY B 146 -0.55 -17.81 18.07
C GLY B 146 -1.11 -17.55 19.47
N THR B 147 -0.56 -16.53 20.20
CA THR B 147 -1.03 -16.22 21.58
C THR B 147 -2.36 -15.44 21.61
N GLN B 148 -2.64 -14.56 20.63
CA GLN B 148 -3.86 -13.75 20.66
C GLN B 148 -5.05 -14.64 20.21
N LEU B 149 -4.78 -15.60 19.37
CA LEU B 149 -5.82 -16.51 18.92
C LEU B 149 -6.32 -17.49 20.02
N SER B 150 -5.44 -17.85 20.93
CA SER B 150 -5.76 -18.75 22.02
C SER B 150 -6.70 -18.00 22.99
N GLU B 151 -6.42 -16.73 23.17
CA GLU B 151 -7.23 -15.87 24.04
C GLU B 151 -8.64 -15.68 23.41
N TRP B 152 -8.73 -15.52 22.08
CA TRP B 152 -10.05 -15.33 21.47
C TRP B 152 -10.90 -16.60 21.67
N GLY B 153 -10.24 -17.74 21.65
CA GLY B 153 -10.91 -18.98 21.88
C GLY B 153 -11.35 -19.18 23.31
N LYS B 154 -10.49 -18.85 24.26
CA LYS B 154 -10.85 -18.96 25.69
C LYS B 154 -12.03 -18.03 25.87
N ARG B 155 -12.07 -16.93 25.14
CA ARG B 155 -13.17 -15.96 25.30
C ARG B 155 -14.46 -16.37 24.60
N LEU B 156 -14.38 -17.13 23.51
CA LEU B 156 -15.58 -17.52 22.80
C LEU B 156 -15.93 -19.04 23.02
N SER B 157 -15.22 -19.72 23.89
CA SER B 157 -15.51 -21.11 24.13
C SER B 157 -15.37 -21.95 22.82
N ILE B 158 -14.22 -21.80 22.19
CA ILE B 158 -13.87 -22.45 20.94
C ILE B 158 -12.50 -23.06 21.19
N PRO B 159 -12.38 -24.37 21.06
CA PRO B 159 -11.10 -25.03 21.32
C PRO B 159 -10.06 -24.52 20.36
N VAL B 160 -8.85 -24.36 20.85
CA VAL B 160 -7.76 -23.93 20.04
C VAL B 160 -6.66 -24.97 20.09
N ILE B 161 -6.15 -25.24 18.90
CA ILE B 161 -5.09 -26.21 18.70
C ILE B 161 -3.84 -25.39 18.43
N GLN B 162 -2.90 -25.45 19.37
CA GLN B 162 -1.74 -24.62 19.34
C GLN B 162 -0.44 -25.36 19.68
N GLY B 163 0.66 -24.61 19.79
CA GLY B 163 1.98 -25.17 20.09
C GLY B 163 3.02 -24.11 20.43
N PRO B 164 4.24 -24.49 20.83
CA PRO B 164 5.32 -23.52 21.13
C PRO B 164 5.70 -22.73 19.92
N GLU B 165 6.25 -21.54 20.13
CA GLU B 165 6.61 -20.70 19.00
C GLU B 165 7.66 -21.46 18.17
N GLY B 166 7.40 -21.63 16.87
CA GLY B 166 8.34 -22.30 16.01
C GLY B 166 8.01 -23.75 15.74
N THR B 167 6.78 -24.12 15.98
CA THR B 167 6.40 -25.52 15.75
C THR B 167 6.11 -25.65 14.29
N ASP B 168 6.21 -26.87 13.77
CA ASP B 168 5.96 -27.08 12.35
C ASP B 168 4.49 -26.80 12.15
N PRO B 169 4.14 -25.76 11.39
CA PRO B 169 2.71 -25.39 11.14
C PRO B 169 1.95 -26.48 10.43
N ALA B 170 2.60 -27.15 9.48
CA ALA B 170 1.95 -28.25 8.73
C ALA B 170 1.51 -29.37 9.63
N ALA B 171 2.35 -29.73 10.62
CA ALA B 171 2.04 -30.83 11.57
C ALA B 171 0.99 -30.38 12.55
N LEU B 172 0.98 -29.09 12.86
CA LEU B 172 -0.06 -28.59 13.79
C LEU B 172 -1.41 -28.70 13.14
N ALA B 173 -1.49 -28.16 11.95
CA ALA B 173 -2.71 -28.23 11.13
C ALA B 173 -3.22 -29.67 10.95
N TYR B 174 -2.27 -30.59 10.74
CA TYR B 174 -2.54 -31.99 10.53
C TYR B 174 -3.23 -32.46 11.79
N ASP B 175 -2.63 -32.14 12.94
CA ASP B 175 -3.14 -32.56 14.23
C ASP B 175 -4.46 -31.90 14.56
N ALA B 176 -4.59 -30.66 14.14
CA ALA B 176 -5.84 -29.92 14.26
C ALA B 176 -6.98 -30.56 13.44
N VAL B 177 -6.75 -30.99 12.23
CA VAL B 177 -7.79 -31.68 11.46
C VAL B 177 -8.27 -33.00 12.15
N GLN B 178 -7.29 -33.74 12.66
CA GLN B 178 -7.59 -34.99 13.37
C GLN B 178 -8.45 -34.72 14.58
N ALA B 179 -8.12 -33.67 15.33
CA ALA B 179 -8.87 -33.28 16.49
C ALA B 179 -10.32 -32.98 16.17
N MET B 180 -10.50 -32.19 15.13
CA MET B 180 -11.78 -31.80 14.62
C MET B 180 -12.60 -33.06 14.32
N LYS B 181 -11.99 -34.00 13.63
CA LYS B 181 -12.64 -35.27 13.20
C LYS B 181 -12.89 -36.19 14.38
N ALA B 182 -11.91 -36.33 15.26
CA ALA B 182 -12.10 -37.17 16.42
C ALA B 182 -13.33 -36.74 17.21
N ARG B 183 -13.45 -35.45 17.40
CA ARG B 183 -14.53 -34.91 18.21
C ARG B 183 -15.76 -34.53 17.36
N GLY B 184 -15.75 -34.82 16.06
CA GLY B 184 -16.90 -34.52 15.24
C GLY B 184 -17.34 -33.05 15.12
N TYR B 185 -16.36 -32.13 15.03
CA TYR B 185 -16.68 -30.71 14.90
C TYR B 185 -17.10 -30.34 13.46
N ASP B 186 -17.80 -29.21 13.28
CA ASP B 186 -18.21 -28.75 11.92
C ASP B 186 -17.19 -27.89 11.19
N LEU B 187 -16.54 -26.94 11.85
CA LEU B 187 -15.66 -26.05 11.19
C LEU B 187 -14.33 -25.91 11.91
N LEU B 188 -13.27 -25.95 11.14
CA LEU B 188 -11.97 -25.66 11.66
C LEU B 188 -11.36 -24.53 10.81
N PHE B 189 -11.07 -23.43 11.47
CA PHE B 189 -10.33 -22.31 10.87
C PHE B 189 -8.85 -22.44 11.20
N VAL B 190 -8.02 -22.46 10.17
CA VAL B 190 -6.61 -22.59 10.28
C VAL B 190 -5.93 -21.27 9.92
N ASP B 191 -5.38 -20.60 10.90
CA ASP B 191 -4.61 -19.36 10.71
C ASP B 191 -3.25 -19.77 10.18
N THR B 192 -2.60 -18.82 9.48
CA THR B 192 -1.32 -19.04 8.91
C THR B 192 -0.40 -17.85 9.15
N ALA B 193 0.89 -18.06 8.89
CA ALA B 193 1.90 -17.00 8.93
C ALA B 193 1.55 -16.01 7.80
N GLY B 194 2.05 -14.81 7.94
CA GLY B 194 1.91 -13.81 6.90
C GLY B 194 3.07 -12.87 6.73
N ARG B 195 4.23 -13.31 7.16
CA ARG B 195 5.44 -12.53 7.02
C ARG B 195 6.19 -12.73 5.65
N LEU B 196 6.42 -11.61 4.96
CA LEU B 196 7.12 -11.56 3.71
C LEU B 196 8.60 -11.30 3.92
N HIS B 197 9.41 -11.85 3.01
CA HIS B 197 10.87 -11.70 2.97
C HIS B 197 11.61 -12.32 4.14
N THR B 198 11.16 -13.47 4.58
CA THR B 198 11.92 -14.18 5.63
C THR B 198 12.80 -15.25 5.02
N LYS B 199 13.57 -15.92 5.84
CA LYS B 199 14.43 -16.99 5.32
C LYS B 199 13.61 -18.21 4.79
N HIS B 200 12.31 -18.22 5.09
CA HIS B 200 11.35 -19.26 4.66
C HIS B 200 10.31 -18.69 3.76
N ASN B 201 10.21 -19.19 2.54
CA ASN B 201 9.25 -18.73 1.56
C ASN B 201 7.77 -18.98 1.98
N LEU B 202 7.09 -17.92 2.36
CA LEU B 202 5.72 -18.00 2.76
C LEU B 202 4.87 -18.94 1.85
N MET B 203 4.83 -18.65 0.58
CA MET B 203 4.05 -19.43 -0.33
C MET B 203 4.33 -20.93 -0.20
N GLU B 204 5.59 -21.29 -0.07
CA GLU B 204 5.91 -22.69 -0.06
C GLU B 204 5.47 -23.29 1.25
N GLU B 205 5.66 -22.49 2.30
CA GLU B 205 5.28 -22.90 3.63
C GLU B 205 3.76 -23.17 3.59
N LEU B 206 3.02 -22.33 2.91
CA LEU B 206 1.59 -22.51 2.87
C LEU B 206 1.23 -23.79 2.15
N LYS B 207 1.96 -24.10 1.09
CA LYS B 207 1.68 -25.27 0.34
C LYS B 207 1.81 -26.48 1.22
N LYS B 208 2.84 -26.52 2.04
CA LYS B 208 3.10 -27.63 2.95
C LYS B 208 1.89 -27.78 3.92
N VAL B 209 1.37 -26.65 4.37
CA VAL B 209 0.29 -26.68 5.32
C VAL B 209 -0.95 -27.22 4.68
N LYS B 210 -1.23 -26.81 3.47
CA LYS B 210 -2.39 -27.27 2.74
C LYS B 210 -2.34 -28.78 2.50
N ARG B 211 -1.15 -29.29 2.22
CA ARG B 211 -1.03 -30.73 1.99
C ARG B 211 -1.25 -31.52 3.23
N ALA B 212 -0.81 -30.98 4.33
CA ALA B 212 -0.93 -31.65 5.61
C ALA B 212 -2.41 -31.86 6.03
N ILE B 213 -3.20 -30.84 5.73
CA ILE B 213 -4.61 -30.87 5.93
C ILE B 213 -5.26 -31.99 5.10
N ALA B 214 -4.99 -32.01 3.80
CA ALA B 214 -5.52 -33.03 2.92
C ALA B 214 -5.04 -34.42 3.34
N LYS B 215 -3.80 -34.56 3.75
CA LYS B 215 -3.39 -35.84 4.24
C LYS B 215 -4.31 -36.34 5.37
N ALA B 216 -4.68 -35.44 6.28
CA ALA B 216 -5.56 -35.83 7.34
C ALA B 216 -6.95 -36.09 6.88
N ASP B 217 -7.39 -35.35 5.88
CA ASP B 217 -8.78 -35.46 5.38
C ASP B 217 -8.75 -35.18 3.93
N PRO B 218 -8.57 -36.22 3.14
CA PRO B 218 -8.41 -36.14 1.67
C PRO B 218 -9.18 -35.14 0.89
N GLU B 219 -10.33 -34.67 1.33
CA GLU B 219 -10.98 -33.63 0.53
C GLU B 219 -10.83 -32.18 1.10
N GLU B 220 -10.21 -32.03 2.24
CA GLU B 220 -10.06 -30.72 2.77
C GLU B 220 -8.71 -30.16 2.30
N PRO B 221 -8.53 -28.86 2.41
CA PRO B 221 -9.61 -27.94 2.86
C PRO B 221 -10.49 -27.48 1.70
N LYS B 222 -11.79 -27.41 1.90
CA LYS B 222 -12.73 -27.06 0.84
C LYS B 222 -12.82 -25.58 0.67
N GLU B 223 -12.18 -24.84 1.56
CA GLU B 223 -12.16 -23.40 1.44
C GLU B 223 -10.79 -22.83 1.74
N VAL B 224 -10.37 -21.87 0.92
CA VAL B 224 -9.16 -21.17 1.13
C VAL B 224 -9.54 -19.69 0.93
N TRP B 225 -9.60 -18.90 2.02
CA TRP B 225 -10.05 -17.52 1.96
C TRP B 225 -8.89 -16.51 2.22
N LEU B 226 -8.75 -15.53 1.31
CA LEU B 226 -7.71 -14.58 1.46
C LEU B 226 -8.32 -13.39 2.17
N VAL B 227 -7.69 -12.88 3.19
CA VAL B 227 -8.14 -11.64 3.85
C VAL B 227 -7.34 -10.44 3.23
N LEU B 228 -8.07 -9.47 2.64
CA LEU B 228 -7.49 -8.28 2.05
C LEU B 228 -8.03 -7.04 2.75
N ASP B 229 -7.15 -6.10 2.98
CA ASP B 229 -7.52 -4.84 3.63
C ASP B 229 -7.90 -3.79 2.54
N ALA B 230 -9.11 -3.29 2.55
CA ALA B 230 -9.52 -2.35 1.53
C ALA B 230 -8.56 -1.20 1.30
N VAL B 231 -7.95 -0.67 2.36
CA VAL B 231 -7.04 0.51 2.21
C VAL B 231 -5.89 0.29 1.28
N THR B 232 -5.60 -0.94 0.96
CA THR B 232 -4.47 -1.20 0.06
C THR B 232 -4.72 -0.92 -1.41
N GLY B 233 -5.98 -0.94 -1.82
CA GLY B 233 -6.38 -0.73 -3.21
C GLY B 233 -5.57 -1.55 -4.20
N GLN B 234 -5.27 -0.97 -5.35
CA GLN B 234 -4.48 -1.61 -6.43
C GLN B 234 -3.43 -2.63 -6.01
N ASN B 235 -2.28 -2.11 -5.51
CA ASN B 235 -1.11 -2.96 -5.07
C ASN B 235 -1.51 -4.29 -4.45
N GLY B 236 -2.42 -4.26 -3.48
CA GLY B 236 -2.81 -5.52 -2.84
C GLY B 236 -3.01 -6.70 -3.78
N LEU B 237 -3.25 -6.44 -5.05
CA LEU B 237 -3.60 -7.52 -6.00
C LEU B 237 -2.42 -8.43 -6.39
N GLU B 238 -1.27 -7.82 -6.44
CA GLU B 238 -0.11 -8.57 -6.87
C GLU B 238 0.15 -9.71 -5.95
N GLN B 239 0.28 -9.42 -4.67
CA GLN B 239 0.55 -10.45 -3.66
C GLN B 239 -0.62 -11.40 -3.57
N ALA B 240 -1.85 -10.86 -3.68
CA ALA B 240 -3.07 -11.73 -3.70
C ALA B 240 -2.94 -12.86 -4.73
N LYS B 241 -2.46 -12.47 -5.92
CA LYS B 241 -2.32 -13.41 -6.97
C LYS B 241 -1.33 -14.51 -6.60
N LYS B 242 -0.23 -14.11 -6.02
CA LYS B 242 0.72 -15.09 -5.58
C LYS B 242 0.07 -16.11 -4.65
N PHE B 243 -0.86 -15.61 -3.78
CA PHE B 243 -1.55 -16.55 -2.88
C PHE B 243 -2.48 -17.43 -3.71
N HIS B 244 -3.17 -16.79 -4.67
CA HIS B 244 -4.12 -17.56 -5.47
C HIS B 244 -3.41 -18.66 -6.18
N GLU B 245 -2.17 -18.34 -6.55
CA GLU B 245 -1.25 -19.25 -7.26
C GLU B 245 -0.71 -20.39 -6.43
N ALA B 246 -0.32 -20.11 -5.21
CA ALA B 246 0.29 -21.18 -4.44
C ALA B 246 -0.72 -22.18 -3.80
N VAL B 247 -1.88 -21.71 -3.35
CA VAL B 247 -2.84 -22.65 -2.72
C VAL B 247 -4.28 -22.54 -3.16
N GLY B 248 -4.57 -21.88 -4.28
CA GLY B 248 -5.93 -21.83 -4.85
C GLY B 248 -7.04 -21.31 -3.96
N LEU B 249 -7.21 -20.02 -3.99
CA LEU B 249 -8.29 -19.34 -3.27
C LEU B 249 -9.68 -19.77 -3.71
N THR B 250 -10.62 -19.72 -2.78
CA THR B 250 -12.03 -19.98 -3.10
C THR B 250 -12.84 -18.78 -2.66
N GLY B 251 -12.19 -17.77 -2.09
CA GLY B 251 -12.87 -16.53 -1.77
C GLY B 251 -11.99 -15.52 -1.12
N VAL B 252 -12.46 -14.28 -1.11
CA VAL B 252 -11.74 -13.20 -0.50
C VAL B 252 -12.62 -12.55 0.59
N ILE B 253 -11.97 -11.99 1.63
CA ILE B 253 -12.68 -11.25 2.63
C ILE B 253 -12.04 -9.88 2.69
N VAL B 254 -12.83 -8.81 2.46
CA VAL B 254 -12.28 -7.49 2.45
C VAL B 254 -12.60 -6.73 3.69
N THR B 255 -11.59 -6.38 4.43
CA THR B 255 -11.80 -5.61 5.67
C THR B 255 -11.59 -4.10 5.56
N LYS B 256 -12.01 -3.42 6.62
CA LYS B 256 -11.77 -1.98 6.79
C LYS B 256 -12.26 -1.17 5.62
N LEU B 257 -13.52 -1.37 5.29
CA LEU B 257 -14.11 -0.60 4.21
C LEU B 257 -14.58 0.75 4.71
N ASP B 258 -14.93 0.79 5.99
CA ASP B 258 -15.47 1.98 6.59
C ASP B 258 -14.51 3.12 6.62
N GLY B 259 -13.21 2.83 6.74
CA GLY B 259 -12.22 3.89 6.76
C GLY B 259 -11.54 4.33 5.49
N THR B 260 -12.08 3.96 4.34
CA THR B 260 -11.50 4.33 3.06
C THR B 260 -12.54 4.84 2.11
N ALA B 261 -12.07 5.49 1.06
CA ALA B 261 -12.97 5.93 0.00
C ALA B 261 -12.71 5.07 -1.19
N LYS B 262 -12.16 3.85 -0.95
CA LYS B 262 -11.74 2.99 -2.01
C LYS B 262 -12.63 1.75 -2.15
N GLY B 263 -13.90 1.87 -1.78
CA GLY B 263 -14.84 0.79 -1.83
C GLY B 263 -15.02 0.12 -3.17
N GLY B 264 -14.84 0.82 -4.29
CA GLY B 264 -14.87 0.21 -5.60
C GLY B 264 -13.82 -0.85 -5.91
N VAL B 265 -12.78 -0.99 -5.06
CA VAL B 265 -11.72 -1.98 -5.25
C VAL B 265 -12.16 -3.50 -5.33
N LEU B 266 -13.35 -3.80 -4.84
CA LEU B 266 -13.86 -5.16 -4.90
C LEU B 266 -13.96 -5.61 -6.36
N ILE B 267 -14.26 -4.69 -7.22
CA ILE B 267 -14.31 -5.00 -8.64
C ILE B 267 -13.01 -5.55 -9.20
N PRO B 268 -11.91 -4.79 -9.16
CA PRO B 268 -10.64 -5.31 -9.68
C PRO B 268 -10.29 -6.61 -8.97
N ILE B 269 -10.41 -6.70 -7.66
CA ILE B 269 -10.18 -7.93 -6.92
C ILE B 269 -10.84 -9.15 -7.57
N VAL B 270 -12.18 -9.12 -7.69
CA VAL B 270 -12.95 -10.23 -8.31
C VAL B 270 -12.61 -10.49 -9.83
N ARG B 271 -12.38 -9.41 -10.54
CA ARG B 271 -12.00 -9.42 -11.96
C ARG B 271 -10.58 -9.95 -12.14
N THR B 272 -9.77 -9.85 -11.06
CA THR B 272 -8.37 -10.28 -11.15
C THR B 272 -8.19 -11.70 -10.72
N LEU B 273 -8.67 -11.99 -9.54
CA LEU B 273 -8.53 -13.32 -8.96
C LEU B 273 -9.61 -14.30 -9.44
N LYS B 274 -10.70 -13.76 -9.91
CA LYS B 274 -11.81 -14.52 -10.35
C LYS B 274 -12.32 -15.46 -9.30
N VAL B 275 -12.42 -15.00 -8.07
CA VAL B 275 -13.00 -15.80 -6.98
C VAL B 275 -14.00 -14.89 -6.34
N PRO B 276 -14.88 -15.44 -5.57
CA PRO B 276 -15.91 -14.59 -4.92
C PRO B 276 -15.48 -13.92 -3.64
N ILE B 277 -16.05 -12.75 -3.44
CA ILE B 277 -15.89 -12.10 -2.16
C ILE B 277 -16.93 -12.74 -1.21
N LYS B 278 -16.50 -13.30 -0.10
CA LYS B 278 -17.40 -13.94 0.84
C LYS B 278 -17.97 -12.97 1.96
N PHE B 279 -17.09 -12.22 2.62
CA PHE B 279 -17.47 -11.34 3.71
C PHE B 279 -16.85 -9.95 3.50
N VAL B 280 -17.55 -8.96 4.00
CA VAL B 280 -17.08 -7.60 3.96
C VAL B 280 -17.15 -6.93 5.34
N GLY B 281 -16.06 -6.30 5.74
CA GLY B 281 -16.01 -5.65 7.05
C GLY B 281 -16.39 -4.17 6.98
N VAL B 282 -17.67 -3.86 7.21
CA VAL B 282 -18.22 -2.55 7.09
C VAL B 282 -18.11 -1.80 8.39
N GLY B 283 -17.27 -2.25 9.32
CA GLY B 283 -17.15 -1.58 10.61
C GLY B 283 -16.20 -2.45 11.43
N GLU B 284 -15.88 -2.03 12.64
CA GLU B 284 -14.97 -2.87 13.41
C GLU B 284 -15.68 -3.59 14.59
N GLY B 285 -17.01 -3.55 14.68
CA GLY B 285 -17.68 -4.30 15.73
C GLY B 285 -17.76 -5.81 15.40
N PRO B 286 -18.21 -6.59 16.38
CA PRO B 286 -18.35 -8.07 16.18
C PRO B 286 -19.23 -8.41 14.97
N ASP B 287 -20.41 -7.75 14.85
CA ASP B 287 -21.32 -8.08 13.78
C ASP B 287 -21.05 -7.37 12.45
N ASP B 288 -19.95 -6.63 12.37
CA ASP B 288 -19.68 -5.87 11.14
C ASP B 288 -19.03 -6.71 10.02
N LEU B 289 -18.75 -7.97 10.27
CA LEU B 289 -18.22 -8.79 9.19
C LEU B 289 -19.38 -9.45 8.56
N GLN B 290 -19.98 -8.81 7.56
CA GLN B 290 -21.22 -9.35 6.95
C GLN B 290 -21.01 -10.13 5.67
N PRO B 291 -21.87 -11.11 5.43
CA PRO B 291 -21.78 -11.94 4.21
C PRO B 291 -21.90 -11.04 2.95
N PHE B 292 -21.24 -11.41 1.88
CA PHE B 292 -21.27 -10.54 0.69
C PHE B 292 -22.50 -10.65 -0.19
N ASP B 293 -23.09 -9.53 -0.51
CA ASP B 293 -24.27 -9.54 -1.41
C ASP B 293 -24.06 -8.49 -2.49
N PRO B 294 -23.75 -8.91 -3.70
CA PRO B 294 -23.48 -7.93 -4.78
C PRO B 294 -24.54 -6.89 -4.98
N GLU B 295 -25.78 -7.32 -5.22
CA GLU B 295 -26.90 -6.38 -5.41
C GLU B 295 -27.03 -5.29 -4.31
N ALA B 296 -26.92 -5.68 -3.06
CA ALA B 296 -27.00 -4.71 -1.99
C ALA B 296 -25.75 -3.82 -1.95
N PHE B 297 -24.61 -4.41 -2.24
CA PHE B 297 -23.36 -3.65 -2.25
C PHE B 297 -23.48 -2.51 -3.22
N VAL B 298 -23.82 -2.85 -4.48
CA VAL B 298 -23.90 -1.84 -5.54
C VAL B 298 -25.04 -0.87 -5.22
N GLU B 299 -26.11 -1.44 -4.67
CA GLU B 299 -27.25 -0.60 -4.27
C GLU B 299 -26.76 0.45 -3.23
N ALA B 300 -26.00 -0.01 -2.26
CA ALA B 300 -25.50 0.84 -1.20
C ALA B 300 -24.51 1.83 -1.71
N LEU B 301 -23.71 1.37 -2.66
CA LEU B 301 -22.68 2.22 -3.25
C LEU B 301 -23.29 3.34 -4.00
N LEU B 302 -24.36 3.07 -4.73
CA LEU B 302 -24.99 4.11 -5.56
C LEU B 302 -26.16 4.76 -4.90
N GLU B 303 -26.41 4.40 -3.65
CA GLU B 303 -27.55 4.88 -2.85
C GLU B 303 -27.62 6.36 -2.72
N ASP B 304 -28.84 6.87 -2.54
CA ASP B 304 -29.02 8.28 -2.37
C ASP B 304 -28.62 9.05 -3.63
S SO4 C . 5.66 -7.82 9.38
O1 SO4 C . 5.82 -6.78 10.37
O2 SO4 C . 4.65 -7.49 8.43
O3 SO4 C . 6.92 -7.98 8.67
O4 SO4 C . 5.19 -8.96 10.12
S SO4 D . 7.99 -11.48 16.10
O1 SO4 D . 9.02 -11.02 15.17
O2 SO4 D . 8.41 -11.06 17.43
O3 SO4 D . 8.06 -12.96 16.05
O4 SO4 D . 6.66 -10.93 15.79
S SO4 E . -7.25 9.65 -3.26
O1 SO4 E . -7.72 9.44 -1.85
O2 SO4 E . -8.25 9.62 -4.32
O3 SO4 E . -6.62 10.95 -3.16
O4 SO4 E . -6.27 8.62 -3.57
S SO4 F . 4.53 -9.47 23.23
O1 SO4 F . 3.70 -10.23 22.22
O2 SO4 F . 5.57 -10.40 22.66
O3 SO4 F . 3.82 -8.23 22.66
O4 SO4 F . 5.70 -8.50 23.25
S SO4 G . 0.20 -6.09 15.45
O1 SO4 G . -0.33 -5.48 16.68
O2 SO4 G . -0.46 -5.46 14.28
O3 SO4 G . 1.67 -5.84 15.51
O4 SO4 G . -0.08 -7.54 15.39
S SO4 H . 39.02 6.54 8.76
O1 SO4 H . 40.14 5.67 8.47
O2 SO4 H . 37.81 5.92 8.15
O3 SO4 H . 39.16 7.88 8.15
O4 SO4 H . 38.80 6.79 10.19
C1 EDO I . 27.03 13.01 24.88
O1 EDO I . 27.21 11.60 25.01
C2 EDO I . 27.50 13.53 23.54
O2 EDO I . 28.91 13.61 23.49
C1 EDO J . 31.71 18.24 -6.78
O1 EDO J . 32.47 17.39 -5.90
C2 EDO J . 30.48 17.55 -7.32
O2 EDO J . 30.59 16.84 -8.57
C1 EDO K . 15.67 16.55 16.40
O1 EDO K . 16.22 16.33 15.09
C2 EDO K . 16.51 15.94 17.51
O2 EDO K . 15.96 14.67 17.92
PG GNP L . 14.87 -5.25 3.54
O1G GNP L . 14.41 -6.60 2.92
O2G GNP L . 16.38 -5.24 3.59
O3G GNP L . 14.46 -5.01 4.97
N3B GNP L . 14.10 -4.11 2.67
PB GNP L . 14.51 -2.62 2.52
O1B GNP L . 15.83 -2.22 2.89
O2B GNP L . 13.51 -1.61 2.26
O3A GNP L . 14.67 -2.82 1.02
PA GNP L . 15.98 -3.12 0.04
O1A GNP L . 17.09 -2.11 -0.01
O2A GNP L . 16.38 -4.56 0.15
O5' GNP L . 15.37 -2.91 -1.45
C5' GNP L . 14.18 -3.66 -1.92
C4' GNP L . 14.47 -4.04 -3.35
O4' GNP L . 13.89 -3.01 -4.20
C3' GNP L . 15.96 -4.18 -3.75
O3' GNP L . 16.25 -5.51 -4.37
C2' GNP L . 16.23 -3.04 -4.73
O2' GNP L . 16.77 -3.49 -5.97
C1' GNP L . 14.85 -2.61 -5.18
N9 GNP L . 14.77 -1.18 -5.43
C8 GNP L . 14.66 -0.22 -4.47
N7 GNP L . 14.66 0.99 -4.99
C5 GNP L . 14.73 0.84 -6.39
C6 GNP L . 14.68 1.81 -7.51
O6 GNP L . 14.61 3.05 -7.60
N1 GNP L . 14.74 1.20 -8.77
C2 GNP L . 14.84 -0.19 -8.97
N2 GNP L . 14.90 -0.55 -10.29
N3 GNP L . 14.86 -1.10 -7.95
C4 GNP L . 14.81 -0.53 -6.68
S SO4 M . -5.50 1.00 -12.46
O1 SO4 M . -5.55 1.25 -11.04
O2 SO4 M . -6.46 -0.09 -12.58
O3 SO4 M . -5.85 2.23 -13.13
O4 SO4 M . -4.21 0.47 -12.85
S SO4 N . -3.07 -10.45 11.26
O1 SO4 N . -3.74 -9.14 11.51
O2 SO4 N . -3.38 -10.61 9.84
O3 SO4 N . -1.63 -10.49 11.48
O4 SO4 N . -3.62 -11.46 12.18
C1 EDO O . -8.60 6.69 1.93
O1 EDO O . -9.68 6.57 1.00
C2 EDO O . -7.44 5.80 1.46
O2 EDO O . -7.45 4.55 2.08
C1 EDO P . -7.11 4.49 -10.81
O1 EDO P . -7.19 4.18 -12.18
C2 EDO P . -7.82 3.33 -10.07
O2 EDO P . -9.19 3.62 -10.13
C1 EDO Q . -10.93 -27.49 24.60
O1 EDO Q . -10.06 -28.59 24.47
C2 EDO Q . -12.36 -27.94 24.79
O2 EDO Q . -13.26 -26.87 24.57
C1 EDO R . -15.79 -24.01 -3.60
O1 EDO R . -14.71 -24.92 -3.47
C2 EDO R . -16.02 -23.19 -2.35
O2 EDO R . -17.20 -22.38 -2.43
C1 EDO S . 15.41 -14.66 0.97
O1 EDO S . 14.57 -14.95 -0.19
C2 EDO S . 15.88 -15.89 1.76
O2 EDO S . 17.01 -16.53 1.18
C1 EDO T . -20.90 -12.23 14.41
O1 EDO T . -21.42 -12.13 13.11
C2 EDO T . -19.38 -12.30 14.30
O2 EDO T . -18.88 -12.43 15.62
#